data_8B2B
#
_entry.id   8B2B
#
_cell.length_a   42.503
_cell.length_b   43.626
_cell.length_c   72.372
_cell.angle_alpha   84.246
_cell.angle_beta   85.965
_cell.angle_gamma   60.935
#
_symmetry.space_group_name_H-M   'P 1'
#
loop_
_entity.id
_entity.type
_entity.pdbx_description
1 polymer '3-dehydroquinate dehydratase'
2 non-polymer '(4R,5R)-3-amino-4,5-dihydroxy-cyclohexene-1-carboxylic acid'
3 non-polymer 'SODIUM ION'
4 water water
#
_entity_poly.entity_id   1
_entity_poly.type   'polypeptide(L)'
_entity_poly.pdbx_seq_one_letter_code
;MKTVTVKNLIIGEGMPKIIVSLMGRDINSVKAEALAYREATFDILEWRVDHFMDIASTQSVLTAARVIRDAMPDIPLLFT
FRSAKEGGEQTITTQHYLTLNRAAIDSGLVDMIDLELFTGDADVKATVDYAHAHNVYVVMSNHDFHQTPSAEEMVLRLRK
MQALGADIPKIAVMPQSKHDVLTLLTATLEMQQHYADRPVITMSMAKEGVISRLAGEVFGSAATFGAVKQASAPGQIAVN
DLRSVLMILHNA
;
_entity_poly.pdbx_strand_id   AAA,BBB
#
# COMPACT_ATOMS: atom_id res chain seq x y z
N MET A 1 -2.25 -14.76 19.35
CA MET A 1 -1.03 -13.93 19.08
C MET A 1 -0.19 -13.83 20.35
N LYS A 2 1.04 -14.31 20.29
CA LYS A 2 2.09 -14.10 21.29
C LYS A 2 2.94 -12.91 20.81
N THR A 3 2.52 -11.71 21.23
CA THR A 3 3.21 -10.42 20.96
C THR A 3 4.55 -10.45 21.68
N VAL A 4 5.52 -9.68 21.20
CA VAL A 4 6.88 -9.65 21.77
C VAL A 4 7.10 -8.24 22.31
N THR A 5 7.30 -8.12 23.62
CA THR A 5 7.59 -6.81 24.26
C THR A 5 9.08 -6.69 24.54
N VAL A 6 9.72 -5.69 23.92
CA VAL A 6 11.13 -5.28 24.16
C VAL A 6 11.09 -3.79 24.53
N LYS A 7 11.36 -3.46 25.80
CA LYS A 7 11.51 -2.05 26.27
C LYS A 7 10.28 -1.21 25.87
N ASN A 8 9.08 -1.64 26.27
CA ASN A 8 7.78 -0.90 26.15
C ASN A 8 7.25 -0.95 24.70
N LEU A 9 8.11 -1.23 23.71
CA LEU A 9 7.70 -1.53 22.31
C LEU A 9 6.99 -2.90 22.27
N ILE A 10 5.80 -2.97 21.70
CA ILE A 10 5.03 -4.24 21.50
C ILE A 10 4.99 -4.57 20.03
N ILE A 11 5.62 -5.68 19.67
CA ILE A 11 5.74 -6.12 18.25
C ILE A 11 4.65 -7.14 18.04
N GLY A 12 3.75 -6.87 17.09
CA GLY A 12 2.66 -7.77 16.67
C GLY A 12 1.29 -7.24 17.04
N GLU A 13 1.17 -5.95 17.34
CA GLU A 13 -0.14 -5.25 17.37
C GLU A 13 0.07 -3.82 16.87
N GLY A 14 -1.03 -3.12 16.61
CA GLY A 14 -1.02 -1.70 16.28
C GLY A 14 -0.23 -1.47 15.01
N MET A 15 0.44 -0.34 14.94
CA MET A 15 1.16 0.08 13.72
C MET A 15 2.44 -0.76 13.60
N PRO A 16 2.82 -1.22 12.38
CA PRO A 16 4.08 -1.93 12.18
C PRO A 16 5.30 -1.14 12.72
N LYS A 17 6.25 -1.84 13.36
CA LYS A 17 7.43 -1.22 13.99
C LYS A 17 8.53 -1.00 12.93
N ILE A 18 9.15 0.17 13.00
CA ILE A 18 10.16 0.58 11.98
C ILE A 18 11.51 0.08 12.45
N ILE A 19 12.20 -0.66 11.60
CA ILE A 19 13.58 -1.12 11.89
C ILE A 19 14.51 -0.36 10.93
N VAL A 20 15.67 0.07 11.42
CA VAL A 20 16.71 0.62 10.54
C VAL A 20 17.97 -0.19 10.81
N SER A 21 18.78 -0.39 9.80
CA SER A 21 19.99 -1.22 9.91
C SER A 21 21.21 -0.33 9.97
N LEU A 22 22.00 -0.49 11.02
CA LEU A 22 23.35 0.11 11.17
C LEU A 22 24.38 -0.83 10.55
N MET A 23 25.24 -0.27 9.69
CA MET A 23 26.31 -0.96 8.96
C MET A 23 27.61 -0.19 9.18
N GLY A 24 28.62 -0.84 9.73
CA GLY A 24 29.96 -0.24 9.97
C GLY A 24 31.05 -1.28 9.83
N ARG A 25 32.04 -1.02 8.98
CA ARG A 25 33.18 -1.94 8.74
C ARG A 25 34.02 -2.15 10.02
N ASP A 26 34.04 -1.22 10.99
CA ASP A 26 34.96 -1.30 12.17
C ASP A 26 34.35 -0.52 13.34
N ILE A 27 35.03 -0.53 14.49
CA ILE A 27 34.47 0.03 15.75
C ILE A 27 34.22 1.54 15.60
N ASN A 28 35.19 2.30 15.04
CA ASN A 28 35.11 3.78 14.83
C ASN A 28 33.92 4.13 13.90
N SER A 29 33.74 3.44 12.77
CA SER A 29 32.61 3.72 11.85
C SER A 29 31.30 3.18 12.43
N VAL A 30 31.33 2.10 13.21
CA VAL A 30 30.11 1.65 13.96
C VAL A 30 29.72 2.73 14.97
N LYS A 31 30.67 3.30 15.70
CA LYS A 31 30.40 4.39 16.69
C LYS A 31 29.79 5.64 16.03
N ALA A 32 30.36 6.12 14.92
CA ALA A 32 29.88 7.31 14.17
C ALA A 32 28.47 7.02 13.60
N GLU A 33 28.18 5.77 13.20
CA GLU A 33 26.83 5.45 12.66
C GLU A 33 25.81 5.55 13.79
N ALA A 34 26.14 5.01 14.96
CA ALA A 34 25.25 4.93 16.13
C ALA A 34 24.90 6.34 16.61
N LEU A 35 25.89 7.26 16.62
CA LEU A 35 25.70 8.67 17.06
C LEU A 35 24.76 9.35 16.08
N ALA A 36 25.00 9.20 14.77
CA ALA A 36 24.13 9.77 13.70
C ALA A 36 22.75 9.11 13.78
N TYR A 37 22.66 7.79 14.00
CA TYR A 37 21.37 7.04 13.94
C TYR A 37 20.45 7.45 15.11
N ARG A 38 20.99 7.89 16.24
CA ARG A 38 20.12 8.22 17.42
C ARG A 38 19.52 9.62 17.20
N GLU A 39 19.87 10.26 16.08
CA GLU A 39 19.23 11.54 15.64
C GLU A 39 18.11 11.26 14.63
N ALA A 40 17.75 10.00 14.36
CA ALA A 40 16.57 9.59 13.54
C ALA A 40 15.54 8.90 14.46
N THR A 41 14.26 8.88 14.08
CA THR A 41 13.18 8.25 14.90
C THR A 41 12.83 6.90 14.27
N PHE A 42 12.82 5.84 15.08
CA PHE A 42 12.48 4.46 14.68
C PHE A 42 12.25 3.65 15.96
N ASP A 43 11.78 2.42 15.81
CA ASP A 43 11.36 1.55 16.93
C ASP A 43 12.45 0.56 17.29
N ILE A 44 13.28 0.10 16.34
CA ILE A 44 14.21 -1.04 16.52
C ILE A 44 15.47 -0.78 15.70
N LEU A 45 16.63 -0.96 16.33
CA LEU A 45 17.94 -0.84 15.65
C LEU A 45 18.42 -2.25 15.36
N GLU A 46 18.74 -2.54 14.11
CA GLU A 46 19.40 -3.79 13.70
C GLU A 46 20.86 -3.43 13.45
N TRP A 47 21.79 -4.10 14.13
CA TRP A 47 23.21 -4.05 13.72
C TRP A 47 23.44 -5.15 12.69
N ARG A 48 23.75 -4.79 11.44
CA ARG A 48 24.21 -5.76 10.40
C ARG A 48 25.69 -6.05 10.68
N VAL A 49 25.95 -7.09 11.46
CA VAL A 49 27.29 -7.54 11.90
C VAL A 49 28.11 -7.97 10.66
N ASP A 50 27.48 -8.62 9.70
CA ASP A 50 28.17 -9.08 8.46
C ASP A 50 28.92 -7.92 7.78
N HIS A 51 28.61 -6.65 8.04
CA HIS A 51 29.35 -5.54 7.40
C HIS A 51 30.67 -5.30 8.16
N PHE A 52 30.79 -5.86 9.36
CA PHE A 52 31.93 -5.62 10.26
C PHE A 52 33.11 -6.45 9.75
N MET A 53 34.29 -5.87 9.51
CA MET A 53 35.40 -6.65 8.90
C MET A 53 36.03 -7.62 9.93
N ASP A 54 36.28 -7.16 11.16
CA ASP A 54 37.02 -7.92 12.22
C ASP A 54 36.04 -8.86 12.91
N ILE A 55 35.42 -9.71 12.08
CA ILE A 55 34.36 -10.67 12.46
C ILE A 55 35.03 -11.86 13.18
N ALA A 56 36.29 -12.16 12.82
CA ALA A 56 37.10 -13.23 13.45
C ALA A 56 37.20 -13.01 14.97
N SER A 57 37.26 -11.77 15.45
CA SER A 57 37.41 -11.51 16.89
C SER A 57 36.01 -11.38 17.53
N THR A 58 35.55 -12.42 18.22
CA THR A 58 34.33 -12.37 19.07
C THR A 58 34.36 -11.11 19.95
N GLN A 59 35.52 -10.72 20.49
CA GLN A 59 35.61 -9.61 21.47
C GLN A 59 35.48 -8.26 20.74
N SER A 60 36.06 -8.14 19.54
CA SER A 60 35.93 -6.93 18.71
C SER A 60 34.46 -6.73 18.34
N VAL A 61 33.74 -7.80 17.99
CA VAL A 61 32.27 -7.75 17.68
C VAL A 61 31.50 -7.27 18.92
N LEU A 62 31.80 -7.81 20.10
CA LEU A 62 31.19 -7.40 21.40
C LEU A 62 31.57 -5.96 21.78
N THR A 63 32.75 -5.48 21.39
CA THR A 63 33.17 -4.08 21.65
C THR A 63 32.28 -3.17 20.80
N ALA A 64 32.03 -3.53 19.55
CA ALA A 64 31.20 -2.77 18.59
C ALA A 64 29.76 -2.76 19.10
N ALA A 65 29.23 -3.90 19.52
CA ALA A 65 27.88 -3.98 20.13
C ALA A 65 27.81 -2.99 21.29
N ARG A 66 28.82 -2.95 22.17
CA ARG A 66 28.85 -2.10 23.40
C ARG A 66 28.78 -0.61 23.04
N VAL A 67 29.50 -0.22 21.99
CA VAL A 67 29.54 1.18 21.46
C VAL A 67 28.15 1.58 20.95
N ILE A 68 27.42 0.66 20.31
CA ILE A 68 26.01 0.89 19.87
C ILE A 68 25.11 1.01 21.11
N ARG A 69 25.25 0.16 22.09
CA ARG A 69 24.33 0.17 23.25
C ARG A 69 24.60 1.46 24.07
N ASP A 70 25.86 1.90 24.12
CA ASP A 70 26.32 3.10 24.87
C ASP A 70 25.68 4.36 24.25
N ALA A 71 25.78 4.52 22.93
CA ALA A 71 25.12 5.57 22.11
C ALA A 71 23.61 5.56 22.37
N MET A 72 22.96 4.40 22.31
CA MET A 72 21.48 4.30 22.44
C MET A 72 21.11 3.29 23.53
N PRO A 73 21.13 3.75 24.80
CA PRO A 73 20.85 2.87 25.94
C PRO A 73 19.48 2.16 25.97
N ASP A 74 18.46 2.71 25.31
CA ASP A 74 17.06 2.27 25.49
C ASP A 74 16.41 1.86 24.16
N ILE A 75 17.16 1.82 23.05
CA ILE A 75 16.63 1.30 21.76
C ILE A 75 16.55 -0.22 21.87
N PRO A 76 15.46 -0.83 21.38
CA PRO A 76 15.45 -2.26 21.14
C PRO A 76 16.52 -2.52 20.07
N LEU A 77 17.43 -3.46 20.38
CA LEU A 77 18.63 -3.80 19.60
C LEU A 77 18.53 -5.28 19.15
N LEU A 78 18.72 -5.45 17.84
CA LEU A 78 18.67 -6.72 17.10
C LEU A 78 20.05 -6.94 16.49
N PHE A 79 20.68 -8.03 16.90
CA PHE A 79 21.99 -8.48 16.44
C PHE A 79 21.75 -9.39 15.23
N THR A 80 22.24 -9.01 14.06
CA THR A 80 21.97 -9.75 12.81
C THR A 80 23.28 -10.01 12.06
N PHE A 81 23.73 -11.26 12.06
CA PHE A 81 24.69 -11.73 11.04
C PHE A 81 23.89 -12.33 9.91
N ARG A 82 23.91 -11.63 8.78
CA ARG A 82 23.33 -12.08 7.51
C ARG A 82 24.46 -12.77 6.74
N SER A 83 24.36 -14.09 6.56
CA SER A 83 25.32 -14.90 5.78
C SER A 83 25.25 -14.49 4.30
N ALA A 84 26.36 -14.59 3.58
CA ALA A 84 26.40 -14.27 2.12
C ALA A 84 25.38 -15.14 1.34
N LYS A 85 25.11 -16.40 1.71
CA LYS A 85 24.15 -17.24 0.94
C LYS A 85 22.71 -16.69 1.06
N GLU A 86 22.44 -15.84 2.05
CA GLU A 86 21.13 -15.15 2.20
C GLU A 86 21.29 -13.65 1.96
N GLY A 87 22.33 -13.23 1.20
CA GLY A 87 22.46 -11.88 0.65
C GLY A 87 23.32 -10.96 1.51
N GLY A 88 24.05 -11.52 2.48
CA GLY A 88 24.89 -10.74 3.41
C GLY A 88 26.23 -10.38 2.80
N GLU A 89 27.13 -9.73 3.55
CA GLU A 89 28.43 -9.17 3.06
C GLU A 89 29.58 -10.19 3.07
N GLN A 90 29.56 -11.20 3.94
CA GLN A 90 30.67 -12.19 4.06
C GLN A 90 30.19 -13.56 4.54
N THR A 91 31.06 -14.55 4.33
CA THR A 91 30.91 -15.95 4.75
C THR A 91 31.58 -16.11 6.10
N ILE A 92 30.96 -16.81 7.03
CA ILE A 92 31.68 -17.38 8.22
C ILE A 92 31.22 -18.83 8.40
N THR A 93 31.96 -19.61 9.19
CA THR A 93 31.57 -21.00 9.50
C THR A 93 30.34 -20.95 10.41
N THR A 94 29.44 -21.91 10.25
CA THR A 94 28.31 -22.16 11.16
C THR A 94 28.79 -22.00 12.59
N GLN A 95 29.88 -22.68 12.94
CA GLN A 95 30.38 -22.75 14.33
C GLN A 95 30.63 -21.30 14.81
N HIS A 96 31.30 -20.47 13.99
CA HIS A 96 31.62 -19.06 14.34
C HIS A 96 30.36 -18.22 14.42
N TYR A 97 29.38 -18.52 13.57
CA TYR A 97 28.06 -17.85 13.56
C TYR A 97 27.36 -18.09 14.92
N LEU A 98 27.27 -19.34 15.38
CA LEU A 98 26.61 -19.69 16.67
C LEU A 98 27.44 -19.13 17.83
N THR A 99 28.77 -19.09 17.72
CA THR A 99 29.65 -18.46 18.74
C THR A 99 29.30 -16.98 18.87
N LEU A 100 29.27 -16.24 17.77
CA LEU A 100 28.94 -14.79 17.83
C LEU A 100 27.54 -14.62 18.42
N ASN A 101 26.56 -15.41 17.97
CA ASN A 101 25.15 -15.25 18.38
C ASN A 101 25.06 -15.57 19.88
N ARG A 102 25.74 -16.62 20.35
CA ARG A 102 25.77 -16.97 21.80
C ARG A 102 26.48 -15.85 22.58
N ALA A 103 27.54 -15.27 22.02
CA ALA A 103 28.33 -14.18 22.65
C ALA A 103 27.41 -12.98 22.86
N ALA A 104 26.67 -12.63 21.80
CA ALA A 104 25.68 -11.53 21.80
C ALA A 104 24.62 -11.79 22.87
N ILE A 105 24.08 -12.99 22.97
CA ILE A 105 23.01 -13.35 23.94
C ILE A 105 23.55 -13.15 25.35
N ASP A 106 24.75 -13.69 25.60
CA ASP A 106 25.40 -13.67 26.93
C ASP A 106 25.78 -12.23 27.26
N SER A 107 26.00 -11.36 26.27
CA SER A 107 26.55 -10.01 26.53
C SER A 107 25.56 -9.23 27.40
N GLY A 108 24.25 -9.47 27.25
CA GLY A 108 23.18 -8.63 27.82
C GLY A 108 23.08 -7.31 27.09
N LEU A 109 23.90 -7.08 26.05
CA LEU A 109 23.90 -5.86 25.23
C LEU A 109 22.68 -5.84 24.28
N VAL A 110 22.21 -6.99 23.78
CA VAL A 110 21.17 -7.05 22.71
C VAL A 110 19.86 -7.65 23.26
N ASP A 111 18.73 -7.22 22.69
CA ASP A 111 17.37 -7.62 23.12
C ASP A 111 16.90 -8.80 22.25
N MET A 112 17.47 -8.91 21.05
CA MET A 112 17.04 -9.86 20.02
C MET A 112 18.23 -10.22 19.14
N ILE A 113 18.20 -11.45 18.61
CA ILE A 113 19.14 -11.92 17.57
C ILE A 113 18.35 -12.42 16.36
N ASP A 114 19.01 -12.38 15.22
CA ASP A 114 18.57 -13.00 13.95
C ASP A 114 19.24 -14.38 13.84
N LEU A 115 18.43 -15.43 13.69
CA LEU A 115 18.89 -16.79 13.34
C LEU A 115 18.25 -17.20 12.02
N GLU A 116 19.09 -17.45 11.02
CA GLU A 116 18.64 -17.89 9.68
C GLU A 116 18.12 -19.34 9.80
N LEU A 117 16.84 -19.56 9.48
CA LEU A 117 16.18 -20.89 9.56
C LEU A 117 17.07 -21.97 8.91
N PHE A 118 17.63 -21.69 7.72
CA PHE A 118 18.40 -22.67 6.89
C PHE A 118 19.81 -22.96 7.44
N THR A 119 20.17 -22.41 8.60
CA THR A 119 21.36 -22.80 9.40
C THR A 119 21.30 -24.31 9.68
N GLY A 120 20.10 -24.88 9.83
CA GLY A 120 19.86 -26.31 10.12
C GLY A 120 19.13 -26.46 11.44
N ASP A 121 18.13 -27.34 11.50
CA ASP A 121 17.17 -27.49 12.65
C ASP A 121 17.85 -27.59 14.03
N ALA A 122 18.78 -28.53 14.21
CA ALA A 122 19.40 -28.79 15.52
C ALA A 122 20.16 -27.52 15.97
N ASP A 123 20.98 -26.92 15.10
CA ASP A 123 21.75 -25.70 15.49
C ASP A 123 20.79 -24.54 15.84
N VAL A 124 19.69 -24.36 15.10
CA VAL A 124 18.73 -23.25 15.34
C VAL A 124 18.00 -23.53 16.66
N LYS A 125 17.43 -24.72 16.84
CA LYS A 125 16.66 -25.06 18.05
C LYS A 125 17.53 -24.89 19.30
N ALA A 126 18.83 -25.18 19.22
CA ALA A 126 19.71 -25.11 20.40
C ALA A 126 20.01 -23.63 20.70
N THR A 127 20.24 -22.82 19.67
CA THR A 127 20.56 -21.37 19.84
C THR A 127 19.30 -20.66 20.35
N VAL A 128 18.13 -21.06 19.86
CA VAL A 128 16.81 -20.50 20.29
C VAL A 128 16.59 -20.74 21.79
N ASP A 129 16.83 -21.98 22.24
CA ASP A 129 16.70 -22.34 23.68
C ASP A 129 17.71 -21.52 24.48
N TYR A 130 18.89 -21.32 23.92
CA TYR A 130 20.00 -20.59 24.58
C TYR A 130 19.61 -19.11 24.74
N ALA A 131 19.15 -18.49 23.65
CA ALA A 131 18.54 -17.15 23.66
C ALA A 131 17.46 -17.07 24.75
N HIS A 132 16.53 -18.02 24.74
CA HIS A 132 15.34 -18.01 25.62
C HIS A 132 15.75 -18.21 27.07
N ALA A 133 16.78 -19.01 27.34
CA ALA A 133 17.32 -19.21 28.70
C ALA A 133 17.91 -17.90 29.27
N HIS A 134 18.23 -16.92 28.42
CA HIS A 134 18.86 -15.63 28.82
C HIS A 134 17.94 -14.47 28.44
N ASN A 135 16.65 -14.74 28.21
CA ASN A 135 15.58 -13.75 27.84
C ASN A 135 16.01 -12.88 26.66
N VAL A 136 16.60 -13.48 25.64
CA VAL A 136 16.79 -12.80 24.32
C VAL A 136 15.79 -13.42 23.34
N TYR A 137 15.07 -12.57 22.62
CA TYR A 137 14.05 -12.96 21.61
C TYR A 137 14.76 -13.30 20.32
N VAL A 138 14.17 -14.21 19.52
CA VAL A 138 14.75 -14.60 18.22
C VAL A 138 13.83 -14.12 17.12
N VAL A 139 14.40 -13.34 16.20
CA VAL A 139 13.84 -13.11 14.86
C VAL A 139 14.48 -14.19 13.99
N MET A 140 13.67 -15.19 13.62
CA MET A 140 14.15 -16.32 12.81
C MET A 140 13.84 -15.96 11.38
N SER A 141 14.83 -16.02 10.51
CA SER A 141 14.76 -15.31 9.21
C SER A 141 15.10 -16.23 8.06
N ASN A 142 14.52 -15.92 6.93
CA ASN A 142 14.88 -16.49 5.62
C ASN A 142 14.84 -15.37 4.59
N HIS A 143 15.82 -15.35 3.69
CA HIS A 143 15.94 -14.39 2.58
C HIS A 143 16.14 -15.19 1.29
N ASP A 144 15.44 -14.81 0.22
CA ASP A 144 15.69 -15.32 -1.16
C ASP A 144 15.90 -14.10 -2.06
N PHE A 145 17.12 -13.90 -2.53
CA PHE A 145 17.56 -12.64 -3.20
C PHE A 145 17.34 -12.79 -4.70
N HIS A 146 16.76 -13.91 -5.13
CA HIS A 146 16.71 -14.34 -6.54
C HIS A 146 15.25 -14.38 -7.05
N GLN A 147 14.31 -14.93 -6.28
CA GLN A 147 12.94 -15.20 -6.77
C GLN A 147 11.96 -15.24 -5.58
N THR A 148 10.67 -15.38 -5.86
CA THR A 148 9.61 -15.44 -4.82
C THR A 148 9.07 -16.86 -4.79
N PRO A 149 9.25 -17.64 -3.70
CA PRO A 149 8.57 -18.93 -3.59
C PRO A 149 7.05 -18.71 -3.67
N SER A 150 6.30 -19.79 -3.89
CA SER A 150 4.82 -19.80 -3.86
C SER A 150 4.38 -19.41 -2.44
N ALA A 151 3.10 -19.07 -2.28
CA ALA A 151 2.47 -18.69 -1.00
C ALA A 151 2.53 -19.84 -0.02
N GLU A 152 2.20 -21.04 -0.50
CA GLU A 152 2.24 -22.30 0.28
C GLU A 152 3.65 -22.46 0.89
N GLU A 153 4.71 -22.34 0.09
CA GLU A 153 6.11 -22.56 0.53
C GLU A 153 6.46 -21.54 1.63
N MET A 154 6.10 -20.27 1.44
CA MET A 154 6.46 -19.21 2.42
C MET A 154 5.63 -19.43 3.70
N VAL A 155 4.36 -19.79 3.59
CA VAL A 155 3.52 -20.11 4.80
C VAL A 155 4.12 -21.30 5.57
N LEU A 156 4.64 -22.32 4.90
CA LEU A 156 5.14 -23.53 5.62
C LEU A 156 6.49 -23.22 6.25
N ARG A 157 7.30 -22.44 5.54
CA ARG A 157 8.59 -21.94 6.02
C ARG A 157 8.38 -21.09 7.27
N LEU A 158 7.40 -20.18 7.25
CA LEU A 158 7.15 -19.32 8.44
C LEU A 158 6.61 -20.15 9.60
N ARG A 159 5.76 -21.14 9.35
CA ARG A 159 5.17 -22.00 10.41
C ARG A 159 6.28 -22.89 10.98
N LYS A 160 7.24 -23.27 10.13
CA LYS A 160 8.43 -24.08 10.49
C LYS A 160 9.27 -23.29 11.51
N MET A 161 9.42 -21.99 11.27
CA MET A 161 10.17 -21.11 12.17
C MET A 161 9.42 -21.06 13.52
N GLN A 162 8.10 -20.92 13.49
CA GLN A 162 7.27 -21.02 14.71
C GLN A 162 7.60 -22.33 15.46
N ALA A 163 7.64 -23.46 14.74
CA ALA A 163 7.72 -24.79 15.37
C ALA A 163 9.12 -24.96 16.00
N LEU A 164 10.13 -24.29 15.49
CA LEU A 164 11.52 -24.34 16.00
C LEU A 164 11.71 -23.28 17.12
N GLY A 165 10.67 -22.49 17.38
CA GLY A 165 10.53 -21.63 18.58
C GLY A 165 10.80 -20.16 18.30
N ALA A 166 10.94 -19.76 17.03
CA ALA A 166 11.05 -18.34 16.61
C ALA A 166 10.05 -17.48 17.41
N ASP A 167 10.51 -16.33 17.91
CA ASP A 167 9.61 -15.32 18.52
C ASP A 167 8.90 -14.56 17.42
N ILE A 168 9.60 -14.34 16.29
CA ILE A 168 9.17 -13.49 15.17
C ILE A 168 9.73 -14.09 13.90
N PRO A 169 8.98 -14.98 13.21
CA PRO A 169 9.39 -15.47 11.90
C PRO A 169 9.58 -14.31 10.93
N LYS A 170 10.57 -14.39 10.02
CA LYS A 170 10.79 -13.29 9.05
C LYS A 170 11.12 -13.91 7.71
N ILE A 171 10.49 -13.37 6.66
CA ILE A 171 10.84 -13.82 5.30
C ILE A 171 10.89 -12.59 4.41
N ALA A 172 11.91 -12.56 3.59
CA ALA A 172 12.20 -11.47 2.64
C ALA A 172 12.57 -12.14 1.33
N VAL A 173 11.85 -11.79 0.28
CA VAL A 173 11.86 -12.46 -1.05
C VAL A 173 11.94 -11.41 -2.14
N MET A 174 12.58 -11.76 -3.26
CA MET A 174 12.77 -10.88 -4.43
C MET A 174 11.63 -11.16 -5.41
N PRO A 175 10.77 -10.16 -5.71
CA PRO A 175 9.80 -10.31 -6.80
C PRO A 175 10.52 -10.28 -8.18
N GLN A 176 10.06 -11.10 -9.13
CA GLN A 176 10.49 -11.08 -10.56
C GLN A 176 9.40 -10.36 -11.36
N SER A 177 8.22 -10.15 -10.74
CA SER A 177 6.98 -9.66 -11.38
C SER A 177 6.14 -8.92 -10.33
N LYS A 178 5.13 -8.18 -10.76
CA LYS A 178 4.15 -7.60 -9.83
C LYS A 178 3.37 -8.74 -9.19
N HIS A 179 3.12 -9.84 -9.92
CA HIS A 179 2.41 -11.02 -9.36
C HIS A 179 3.16 -11.52 -8.13
N ASP A 180 4.49 -11.55 -8.19
CA ASP A 180 5.30 -12.08 -7.07
C ASP A 180 5.03 -11.24 -5.80
N VAL A 181 4.75 -9.94 -5.96
CA VAL A 181 4.48 -8.99 -4.83
C VAL A 181 3.15 -9.39 -4.18
N LEU A 182 2.13 -9.64 -5.00
CA LEU A 182 0.81 -10.10 -4.52
C LEU A 182 1.00 -11.42 -3.80
N THR A 183 1.79 -12.32 -4.36
CA THR A 183 1.97 -13.66 -3.74
C THR A 183 2.46 -13.44 -2.30
N LEU A 184 3.44 -12.56 -2.11
CA LEU A 184 4.01 -12.32 -0.77
C LEU A 184 2.94 -11.79 0.18
N LEU A 185 2.09 -10.86 -0.27
CA LEU A 185 1.01 -10.26 0.54
C LEU A 185 -0.02 -11.35 0.88
N THR A 186 -0.41 -12.16 -0.10
CA THR A 186 -1.25 -13.37 0.10
C THR A 186 -0.63 -14.24 1.20
N ALA A 187 0.62 -14.63 1.05
CA ALA A 187 1.35 -15.38 2.10
C ALA A 187 1.20 -14.67 3.45
N THR A 188 1.45 -13.36 3.52
CA THR A 188 1.36 -12.61 4.80
C THR A 188 -0.06 -12.77 5.38
N LEU A 189 -1.07 -12.47 4.57
CA LEU A 189 -2.49 -12.49 5.00
C LEU A 189 -2.86 -13.91 5.46
N GLU A 190 -2.32 -14.95 4.83
CA GLU A 190 -2.64 -16.36 5.18
C GLU A 190 -2.18 -16.65 6.62
N MET A 191 -1.02 -16.13 7.01
CA MET A 191 -0.51 -16.24 8.40
C MET A 191 -1.45 -15.48 9.35
N GLN A 192 -1.91 -14.30 8.97
CA GLN A 192 -2.86 -13.51 9.81
C GLN A 192 -4.22 -14.21 9.92
N GLN A 193 -4.71 -14.82 8.85
CA GLN A 193 -6.01 -15.54 8.82
C GLN A 193 -5.92 -16.85 9.63
N HIS A 194 -4.85 -17.62 9.38
CA HIS A 194 -4.85 -19.07 9.71
C HIS A 194 -3.76 -19.45 10.73
N TYR A 195 -2.73 -18.63 10.95
CA TYR A 195 -1.51 -19.05 11.71
C TYR A 195 -0.98 -17.84 12.47
N ALA A 196 -1.83 -17.27 13.33
CA ALA A 196 -1.61 -15.96 13.96
C ALA A 196 -1.06 -16.16 15.39
N ASP A 197 -0.22 -17.18 15.63
CA ASP A 197 0.35 -17.46 16.96
C ASP A 197 1.56 -16.54 17.25
N ARG A 198 2.32 -16.14 16.24
CA ARG A 198 3.54 -15.31 16.37
C ARG A 198 3.46 -14.15 15.38
N PRO A 199 3.95 -12.95 15.75
CA PRO A 199 4.01 -11.86 14.79
C PRO A 199 5.03 -12.26 13.73
N VAL A 200 4.82 -11.83 12.51
CA VAL A 200 5.73 -12.20 11.38
C VAL A 200 6.11 -10.93 10.65
N ILE A 201 7.32 -10.94 10.13
CA ILE A 201 7.89 -9.85 9.32
C ILE A 201 7.95 -10.45 7.92
N THR A 202 7.30 -9.82 6.96
CA THR A 202 7.37 -10.19 5.53
C THR A 202 7.76 -8.97 4.74
N MET A 203 8.52 -9.18 3.66
CA MET A 203 8.80 -8.10 2.69
C MET A 203 9.16 -8.66 1.31
N SER A 204 8.62 -7.98 0.31
CA SER A 204 8.95 -8.13 -1.12
C SER A 204 9.93 -7.01 -1.38
N MET A 205 11.13 -7.39 -1.82
CA MET A 205 12.28 -6.48 -1.93
C MET A 205 12.18 -5.71 -3.23
N ALA A 206 13.09 -4.75 -3.45
CA ALA A 206 13.26 -3.93 -4.68
C ALA A 206 12.10 -2.93 -4.81
N LYS A 207 12.16 -2.10 -5.86
CA LYS A 207 11.15 -1.05 -6.18
C LYS A 207 9.75 -1.65 -6.28
N GLU A 208 9.55 -2.71 -7.08
CA GLU A 208 8.22 -3.36 -7.25
C GLU A 208 7.63 -3.76 -5.88
N GLY A 209 8.46 -4.16 -4.91
CA GLY A 209 8.00 -4.76 -3.65
C GLY A 209 7.63 -3.74 -2.60
N VAL A 210 7.89 -2.45 -2.85
CA VAL A 210 7.84 -1.40 -1.80
C VAL A 210 6.50 -1.41 -1.07
N ILE A 211 5.40 -1.76 -1.75
CA ILE A 211 4.05 -1.69 -1.15
C ILE A 211 3.99 -2.63 0.05
N SER A 212 4.76 -3.74 0.00
CA SER A 212 4.88 -4.73 1.09
C SER A 212 5.45 -4.07 2.34
N ARG A 213 6.23 -3.02 2.19
CA ARG A 213 6.89 -2.36 3.35
C ARG A 213 5.91 -1.37 3.99
N LEU A 214 4.90 -0.89 3.24
CA LEU A 214 3.93 0.13 3.68
C LEU A 214 2.66 -0.52 4.29
N ALA A 215 2.26 -1.69 3.80
CA ALA A 215 0.89 -2.23 3.97
C ALA A 215 0.81 -3.23 5.15
N GLY A 216 1.86 -3.32 5.94
CA GLY A 216 2.01 -4.34 6.99
C GLY A 216 0.84 -4.33 7.97
N GLU A 217 0.12 -3.22 8.16
CA GLU A 217 -0.99 -3.21 9.15
C GLU A 217 -2.20 -3.94 8.58
N VAL A 218 -2.41 -3.85 7.26
CA VAL A 218 -3.62 -4.46 6.61
C VAL A 218 -3.45 -5.97 6.64
N PHE A 219 -2.33 -6.46 6.10
CA PHE A 219 -2.06 -7.86 5.71
C PHE A 219 -1.29 -8.62 6.81
N GLY A 220 -0.63 -7.91 7.73
CA GLY A 220 -0.18 -8.50 9.02
C GLY A 220 1.32 -8.72 9.08
N SER A 221 2.12 -7.83 8.49
CA SER A 221 3.59 -7.80 8.71
C SER A 221 3.83 -6.88 9.90
N ALA A 222 4.55 -7.35 10.92
CA ALA A 222 4.66 -6.72 12.26
C ALA A 222 5.75 -5.64 12.29
N ALA A 223 6.61 -5.57 11.26
CA ALA A 223 7.71 -4.60 11.22
C ALA A 223 8.17 -4.43 9.76
N THR A 224 8.86 -3.33 9.52
CA THR A 224 9.29 -2.88 8.18
C THR A 224 10.58 -2.10 8.40
N PHE A 225 11.48 -2.20 7.42
CA PHE A 225 12.79 -1.53 7.44
C PHE A 225 12.72 -0.25 6.62
N GLY A 226 13.13 0.84 7.26
CA GLY A 226 13.44 2.12 6.59
C GLY A 226 14.94 2.34 6.57
N ALA A 227 15.37 3.26 5.73
CA ALA A 227 16.79 3.62 5.53
C ALA A 227 17.01 4.97 6.22
N VAL A 228 18.08 5.09 7.00
CA VAL A 228 18.51 6.38 7.57
C VAL A 228 19.20 7.21 6.47
N LYS A 229 20.15 6.62 5.72
CA LYS A 229 20.95 7.27 4.63
C LYS A 229 21.28 6.23 3.53
N GLN A 230 21.82 5.07 3.90
CA GLN A 230 21.99 3.87 3.03
C GLN A 230 20.91 2.84 3.41
N ALA A 231 20.39 2.11 2.42
CA ALA A 231 19.50 0.94 2.59
C ALA A 231 20.35 -0.30 2.92
N SER A 232 19.88 -1.15 3.84
CA SER A 232 20.48 -2.47 4.16
C SER A 232 19.97 -3.54 3.18
N ALA A 233 18.89 -3.28 2.46
CA ALA A 233 18.32 -4.15 1.41
C ALA A 233 17.60 -3.27 0.43
N PRO A 234 17.60 -3.60 -0.88
CA PRO A 234 16.92 -2.78 -1.88
C PRO A 234 15.40 -2.71 -1.59
N GLY A 235 14.83 -1.53 -1.87
CA GLY A 235 13.39 -1.28 -1.82
C GLY A 235 13.03 -0.56 -0.54
N GLN A 236 13.98 -0.45 0.41
CA GLN A 236 13.81 0.37 1.64
C GLN A 236 13.70 1.83 1.18
N ILE A 237 12.85 2.62 1.84
CA ILE A 237 12.69 4.07 1.55
C ILE A 237 13.12 4.84 2.81
N ALA A 238 13.30 6.16 2.69
CA ALA A 238 13.79 7.06 3.77
C ALA A 238 12.86 6.93 5.00
N VAL A 239 13.44 6.76 6.18
CA VAL A 239 12.71 6.30 7.38
C VAL A 239 11.59 7.29 7.77
N ASN A 240 11.69 8.57 7.40
CA ASN A 240 10.63 9.58 7.69
C ASN A 240 9.44 9.35 6.76
N ASP A 241 9.70 9.13 5.47
CA ASP A 241 8.67 8.80 4.46
C ASP A 241 7.92 7.54 4.93
N LEU A 242 8.62 6.54 5.47
CA LEU A 242 8.00 5.25 5.84
C LEU A 242 7.07 5.52 7.03
N ARG A 243 7.53 6.34 7.98
CA ARG A 243 6.75 6.66 9.21
C ARG A 243 5.47 7.42 8.79
N SER A 244 5.57 8.32 7.80
CA SER A 244 4.42 9.14 7.32
C SER A 244 3.33 8.21 6.84
N VAL A 245 3.70 7.32 5.91
CA VAL A 245 2.75 6.39 5.25
C VAL A 245 2.12 5.48 6.32
N LEU A 246 2.93 4.89 7.22
CA LEU A 246 2.45 4.00 8.30
C LEU A 246 1.37 4.71 9.13
N MET A 247 1.64 5.95 9.53
CA MET A 247 0.73 6.78 10.38
C MET A 247 -0.56 7.13 9.61
N ILE A 248 -0.46 7.54 8.35
CA ILE A 248 -1.68 7.81 7.52
C ILE A 248 -2.53 6.54 7.42
N LEU A 249 -1.92 5.36 7.21
CA LEU A 249 -2.67 4.07 7.13
C LEU A 249 -3.31 3.74 8.51
N HIS A 250 -2.56 3.82 9.60
CA HIS A 250 -3.11 3.45 10.94
C HIS A 250 -4.32 4.34 11.27
N ASN A 251 -4.27 5.62 10.89
CA ASN A 251 -5.24 6.64 11.36
C ASN A 251 -6.42 6.76 10.40
N ALA A 252 -6.33 6.19 9.18
CA ALA A 252 -7.41 6.22 8.16
C ALA A 252 -8.77 5.92 8.81
N LYS B 2 -6.07 4.31 -25.79
CA LYS B 2 -5.05 3.97 -24.76
C LYS B 2 -5.15 4.99 -23.61
N THR B 3 -4.17 5.89 -23.42
CA THR B 3 -4.22 6.90 -22.32
C THR B 3 -5.28 7.96 -22.65
N VAL B 4 -5.81 8.62 -21.64
CA VAL B 4 -6.84 9.69 -21.84
C VAL B 4 -6.19 11.00 -21.41
N THR B 5 -5.97 11.94 -22.35
CA THR B 5 -5.51 13.31 -22.03
C THR B 5 -6.68 14.28 -21.95
N VAL B 6 -6.92 14.79 -20.74
CA VAL B 6 -7.80 15.96 -20.45
C VAL B 6 -6.91 17.12 -19.99
N LYS B 7 -6.78 18.19 -20.79
CA LYS B 7 -6.16 19.47 -20.36
C LYS B 7 -4.77 19.22 -19.76
N ASN B 8 -3.86 18.64 -20.54
CA ASN B 8 -2.45 18.33 -20.18
C ASN B 8 -2.35 17.31 -19.01
N LEU B 9 -3.45 16.86 -18.41
CA LEU B 9 -3.42 15.72 -17.46
C LEU B 9 -3.48 14.42 -18.25
N ILE B 10 -2.56 13.50 -18.03
CA ILE B 10 -2.59 12.20 -18.75
C ILE B 10 -3.02 11.10 -17.79
N ILE B 11 -4.19 10.52 -18.03
CA ILE B 11 -4.73 9.41 -17.20
C ILE B 11 -4.31 8.09 -17.82
N GLY B 12 -3.62 7.27 -17.02
CA GLY B 12 -3.22 5.88 -17.31
C GLY B 12 -1.72 5.74 -17.54
N GLU B 13 -0.92 6.71 -17.08
CA GLU B 13 0.54 6.51 -16.93
C GLU B 13 0.98 7.24 -15.65
N GLY B 14 2.21 6.97 -15.21
CA GLY B 14 2.82 7.65 -14.07
C GLY B 14 2.00 7.49 -12.82
N MET B 15 2.03 8.49 -11.98
CA MET B 15 1.36 8.48 -10.66
C MET B 15 -0.16 8.52 -10.85
N PRO B 16 -0.94 7.70 -10.10
CA PRO B 16 -2.40 7.79 -10.10
C PRO B 16 -2.95 9.20 -9.89
N LYS B 17 -3.99 9.56 -10.65
CA LYS B 17 -4.58 10.92 -10.66
C LYS B 17 -5.59 11.06 -9.51
N ILE B 18 -5.46 12.15 -8.77
CA ILE B 18 -6.29 12.44 -7.58
C ILE B 18 -7.61 13.05 -8.06
N ILE B 19 -8.71 12.38 -7.69
CA ILE B 19 -10.08 12.91 -7.90
C ILE B 19 -10.66 13.31 -6.55
N VAL B 20 -11.40 14.40 -6.50
CA VAL B 20 -12.15 14.83 -5.28
C VAL B 20 -13.57 15.10 -5.76
N SER B 21 -14.55 14.96 -4.88
CA SER B 21 -15.97 14.93 -5.24
C SER B 21 -16.68 16.10 -4.55
N LEU B 22 -17.29 16.93 -5.38
CA LEU B 22 -18.13 18.07 -4.95
C LEU B 22 -19.56 17.55 -4.74
N MET B 23 -20.17 17.92 -3.63
CA MET B 23 -21.45 17.35 -3.13
C MET B 23 -22.35 18.46 -2.59
N GLY B 24 -22.55 19.54 -3.35
CA GLY B 24 -23.45 20.64 -2.99
C GLY B 24 -24.90 20.22 -3.21
N ARG B 25 -25.83 20.78 -2.42
CA ARG B 25 -27.28 20.42 -2.43
C ARG B 25 -28.06 21.35 -3.36
N ASP B 26 -27.55 22.56 -3.64
CA ASP B 26 -28.24 23.58 -4.50
C ASP B 26 -27.20 24.52 -5.10
N ILE B 27 -27.61 25.53 -5.87
CA ILE B 27 -26.69 26.38 -6.70
C ILE B 27 -25.64 27.05 -5.78
N ASN B 28 -26.09 27.67 -4.67
CA ASN B 28 -25.27 28.54 -3.77
C ASN B 28 -24.30 27.67 -2.95
N SER B 29 -24.77 26.54 -2.42
CA SER B 29 -23.97 25.47 -1.78
C SER B 29 -22.93 24.91 -2.78
N VAL B 30 -23.32 24.66 -4.04
CA VAL B 30 -22.34 24.21 -5.08
C VAL B 30 -21.26 25.28 -5.25
N LYS B 31 -21.63 26.56 -5.30
CA LYS B 31 -20.69 27.72 -5.48
C LYS B 31 -19.67 27.78 -4.34
N ALA B 32 -20.14 27.78 -3.10
CA ALA B 32 -19.34 27.76 -1.85
C ALA B 32 -18.37 26.57 -1.90
N GLU B 33 -18.89 25.39 -2.23
CA GLU B 33 -18.05 24.16 -2.22
C GLU B 33 -16.97 24.30 -3.31
N ALA B 34 -17.28 24.85 -4.49
CA ALA B 34 -16.31 25.03 -5.59
C ALA B 34 -15.25 26.08 -5.24
N LEU B 35 -15.58 27.10 -4.44
CA LEU B 35 -14.59 28.14 -4.05
C LEU B 35 -13.61 27.51 -3.04
N ALA B 36 -14.09 26.76 -2.04
CA ALA B 36 -13.24 26.01 -1.10
C ALA B 36 -12.35 25.00 -1.86
N TYR B 37 -12.92 24.20 -2.77
CA TYR B 37 -12.24 23.07 -3.46
C TYR B 37 -11.07 23.59 -4.30
N ARG B 38 -11.14 24.78 -4.87
CA ARG B 38 -9.98 25.29 -5.68
C ARG B 38 -8.81 25.74 -4.78
N GLU B 39 -8.96 25.65 -3.45
CA GLU B 39 -7.85 25.87 -2.49
C GLU B 39 -7.29 24.52 -2.02
N ALA B 40 -7.74 23.39 -2.59
CA ALA B 40 -7.06 22.07 -2.45
C ALA B 40 -6.33 21.71 -3.75
N THR B 41 -5.31 20.85 -3.68
CA THR B 41 -4.50 20.38 -4.84
C THR B 41 -5.01 18.98 -5.25
N PHE B 42 -5.34 18.79 -6.52
CA PHE B 42 -5.89 17.51 -7.05
C PHE B 42 -5.93 17.58 -8.58
N ASP B 43 -6.11 16.43 -9.23
CA ASP B 43 -5.98 16.31 -10.71
C ASP B 43 -7.35 16.48 -11.38
N ILE B 44 -8.42 16.02 -10.73
CA ILE B 44 -9.74 15.91 -11.39
C ILE B 44 -10.82 16.26 -10.38
N LEU B 45 -11.81 17.03 -10.84
CA LEU B 45 -12.97 17.42 -10.00
C LEU B 45 -14.18 16.59 -10.45
N GLU B 46 -14.72 15.80 -9.54
CA GLU B 46 -15.97 15.06 -9.83
C GLU B 46 -17.07 15.90 -9.23
N TRP B 47 -18.09 16.25 -10.03
CA TRP B 47 -19.37 16.72 -9.43
C TRP B 47 -20.32 15.53 -9.25
N ARG B 48 -20.59 15.18 -7.99
CA ARG B 48 -21.60 14.16 -7.62
C ARG B 48 -22.96 14.83 -7.70
N VAL B 49 -23.51 14.84 -8.90
CA VAL B 49 -24.81 15.49 -9.24
C VAL B 49 -25.92 14.90 -8.38
N ASP B 50 -25.78 13.67 -7.89
CA ASP B 50 -26.89 12.97 -7.20
C ASP B 50 -27.12 13.56 -5.80
N HIS B 51 -26.18 14.32 -5.24
CA HIS B 51 -26.42 15.13 -4.02
C HIS B 51 -27.27 16.37 -4.34
N PHE B 52 -27.40 16.77 -5.61
CA PHE B 52 -28.06 18.04 -6.01
C PHE B 52 -29.59 17.87 -5.98
N MET B 53 -30.30 18.74 -5.24
CA MET B 53 -31.77 18.64 -4.95
C MET B 53 -32.64 18.91 -6.19
N ASP B 54 -32.29 19.89 -7.01
CA ASP B 54 -33.15 20.35 -8.14
C ASP B 54 -32.71 19.60 -9.41
N ILE B 55 -32.76 18.28 -9.34
CA ILE B 55 -32.25 17.34 -10.36
C ILE B 55 -33.29 17.20 -11.49
N ALA B 56 -34.58 17.39 -11.16
CA ALA B 56 -35.70 17.47 -12.11
C ALA B 56 -35.42 18.58 -13.14
N SER B 57 -35.08 19.77 -12.66
CA SER B 57 -34.79 20.93 -13.53
C SER B 57 -33.42 20.71 -14.19
N THR B 58 -33.41 20.19 -15.42
CA THR B 58 -32.19 20.05 -16.25
C THR B 58 -31.45 21.41 -16.28
N GLN B 59 -32.15 22.54 -16.12
CA GLN B 59 -31.53 23.87 -16.28
C GLN B 59 -31.00 24.42 -14.94
N SER B 60 -31.47 23.95 -13.77
CA SER B 60 -30.79 24.21 -12.48
C SER B 60 -29.48 23.44 -12.48
N VAL B 61 -29.52 22.21 -13.00
CA VAL B 61 -28.33 21.33 -13.09
C VAL B 61 -27.30 22.03 -13.97
N LEU B 62 -27.70 22.60 -15.10
CA LEU B 62 -26.73 23.26 -16.02
C LEU B 62 -26.24 24.59 -15.42
N THR B 63 -27.04 25.24 -14.58
CA THR B 63 -26.65 26.48 -13.86
C THR B 63 -25.58 26.15 -12.79
N ALA B 64 -25.80 25.10 -12.00
CA ALA B 64 -24.84 24.64 -10.99
C ALA B 64 -23.55 24.24 -11.71
N ALA B 65 -23.63 23.69 -12.92
CA ALA B 65 -22.45 23.24 -13.71
C ALA B 65 -21.60 24.46 -14.08
N ARG B 66 -22.25 25.48 -14.64
CA ARG B 66 -21.66 26.78 -15.06
C ARG B 66 -20.89 27.39 -13.88
N VAL B 67 -21.50 27.44 -12.68
CA VAL B 67 -20.88 27.95 -11.43
C VAL B 67 -19.61 27.15 -11.08
N ILE B 68 -19.62 25.82 -11.21
CA ILE B 68 -18.39 24.99 -11.01
C ILE B 68 -17.31 25.38 -12.02
N ARG B 69 -17.67 25.64 -13.29
CA ARG B 69 -16.66 25.90 -14.35
C ARG B 69 -16.23 27.37 -14.33
N ASP B 70 -16.99 28.28 -13.69
CA ASP B 70 -16.52 29.67 -13.44
C ASP B 70 -15.42 29.63 -12.37
N ALA B 71 -15.65 28.91 -11.27
CA ALA B 71 -14.70 28.80 -10.14
C ALA B 71 -13.40 28.12 -10.60
N MET B 72 -13.48 27.06 -11.41
CA MET B 72 -12.26 26.32 -11.80
C MET B 72 -12.27 26.12 -13.30
N PRO B 73 -11.90 27.17 -14.06
CA PRO B 73 -12.01 27.14 -15.52
C PRO B 73 -11.18 26.03 -16.17
N ASP B 74 -10.04 25.64 -15.58
CA ASP B 74 -9.01 24.79 -16.22
C ASP B 74 -8.87 23.39 -15.58
N ILE B 75 -9.81 22.96 -14.72
CA ILE B 75 -9.75 21.66 -14.02
C ILE B 75 -10.48 20.64 -14.89
N PRO B 76 -9.93 19.42 -15.04
CA PRO B 76 -10.66 18.31 -15.65
C PRO B 76 -11.88 18.13 -14.75
N LEU B 77 -13.05 18.20 -15.37
CA LEU B 77 -14.36 18.10 -14.69
C LEU B 77 -15.05 16.81 -15.17
N LEU B 78 -15.46 15.99 -14.20
CA LEU B 78 -16.18 14.71 -14.39
C LEU B 78 -17.56 14.90 -13.82
N PHE B 79 -18.59 14.75 -14.66
CA PHE B 79 -20.00 14.90 -14.26
C PHE B 79 -20.49 13.50 -13.93
N THR B 80 -20.92 13.25 -12.69
CA THR B 80 -21.33 11.91 -12.23
C THR B 80 -22.67 11.96 -11.51
N PHE B 81 -23.71 11.36 -12.09
CA PHE B 81 -24.94 11.04 -11.33
C PHE B 81 -24.79 9.60 -10.90
N ARG B 82 -24.60 9.40 -9.60
CA ARG B 82 -24.53 8.05 -9.01
C ARG B 82 -25.96 7.69 -8.64
N SER B 83 -26.54 6.67 -9.29
CA SER B 83 -27.94 6.24 -9.06
C SER B 83 -28.09 5.62 -7.66
N ALA B 84 -29.30 5.62 -7.12
CA ALA B 84 -29.63 5.03 -5.80
C ALA B 84 -29.11 3.59 -5.74
N LYS B 85 -29.36 2.78 -6.79
CA LYS B 85 -29.04 1.33 -6.72
C LYS B 85 -27.52 1.14 -6.62
N GLU B 86 -26.70 2.04 -7.18
CA GLU B 86 -25.22 1.94 -7.11
C GLU B 86 -24.67 2.85 -6.02
N GLY B 87 -25.47 3.16 -5.00
CA GLY B 87 -24.99 3.73 -3.72
C GLY B 87 -25.25 5.23 -3.61
N GLY B 88 -25.73 5.88 -4.66
CA GLY B 88 -25.98 7.34 -4.70
C GLY B 88 -27.09 7.76 -3.74
N GLU B 89 -27.49 9.05 -3.75
CA GLU B 89 -28.45 9.65 -2.76
C GLU B 89 -29.91 9.52 -3.23
N GLN B 90 -30.18 9.70 -4.53
CA GLN B 90 -31.57 9.73 -5.05
C GLN B 90 -31.70 8.85 -6.31
N THR B 91 -32.91 8.34 -6.53
CA THR B 91 -33.34 7.59 -7.74
C THR B 91 -33.69 8.59 -8.82
N ILE B 92 -33.47 8.23 -10.08
CA ILE B 92 -34.17 8.86 -11.24
C ILE B 92 -34.48 7.76 -12.27
N THR B 93 -35.24 8.11 -13.28
CA THR B 93 -35.60 7.16 -14.35
C THR B 93 -34.40 7.05 -15.30
N THR B 94 -34.30 5.95 -16.02
CA THR B 94 -33.27 5.81 -17.05
C THR B 94 -33.34 7.03 -17.97
N GLN B 95 -34.54 7.42 -18.39
CA GLN B 95 -34.70 8.44 -19.47
C GLN B 95 -34.19 9.76 -18.92
N HIS B 96 -34.45 10.07 -17.65
CA HIS B 96 -33.99 11.34 -17.04
C HIS B 96 -32.46 11.30 -16.87
N TYR B 97 -31.90 10.13 -16.51
CA TYR B 97 -30.43 9.90 -16.35
C TYR B 97 -29.75 10.11 -17.72
N LEU B 98 -30.29 9.50 -18.75
CA LEU B 98 -29.79 9.71 -20.14
C LEU B 98 -29.89 11.20 -20.49
N THR B 99 -30.92 11.92 -20.02
CA THR B 99 -31.16 13.34 -20.44
C THR B 99 -30.10 14.21 -19.76
N LEU B 100 -29.85 13.96 -18.49
CA LEU B 100 -28.88 14.77 -17.69
C LEU B 100 -27.50 14.61 -18.28
N ASN B 101 -27.15 13.39 -18.70
CA ASN B 101 -25.80 13.11 -19.27
C ASN B 101 -25.76 13.72 -20.67
N ARG B 102 -26.88 13.69 -21.41
CA ARG B 102 -26.99 14.29 -22.76
C ARG B 102 -26.79 15.80 -22.65
N ALA B 103 -27.42 16.42 -21.67
CA ALA B 103 -27.29 17.88 -21.38
C ALA B 103 -25.87 18.18 -20.91
N ALA B 104 -25.28 17.31 -20.09
CA ALA B 104 -23.91 17.55 -19.61
C ALA B 104 -22.97 17.55 -20.82
N ILE B 105 -23.11 16.58 -21.71
CA ILE B 105 -22.26 16.45 -22.93
C ILE B 105 -22.42 17.69 -23.80
N ASP B 106 -23.67 18.08 -24.04
CA ASP B 106 -24.07 19.19 -24.95
C ASP B 106 -23.53 20.51 -24.40
N SER B 107 -23.39 20.62 -23.08
CA SER B 107 -23.08 21.90 -22.38
C SER B 107 -21.69 22.42 -22.76
N GLY B 108 -20.72 21.53 -23.06
CA GLY B 108 -19.30 21.86 -23.37
C GLY B 108 -18.50 22.20 -22.11
N LEU B 109 -19.18 22.17 -20.95
CA LEU B 109 -18.67 22.57 -19.62
C LEU B 109 -17.92 21.39 -18.97
N VAL B 110 -18.24 20.14 -19.31
CA VAL B 110 -17.60 18.94 -18.68
C VAL B 110 -16.74 18.22 -19.73
N ASP B 111 -15.54 17.81 -19.30
CA ASP B 111 -14.54 17.02 -20.04
C ASP B 111 -14.91 15.53 -20.03
N MET B 112 -15.62 15.06 -19.01
CA MET B 112 -15.95 13.63 -18.78
C MET B 112 -17.31 13.45 -18.11
N ILE B 113 -17.98 12.36 -18.47
CA ILE B 113 -19.20 11.86 -17.77
C ILE B 113 -18.95 10.44 -17.27
N ASP B 114 -19.61 10.11 -16.17
CA ASP B 114 -19.77 8.76 -15.60
C ASP B 114 -21.08 8.14 -16.13
N LEU B 115 -20.98 6.97 -16.74
CA LEU B 115 -22.12 6.10 -17.19
C LEU B 115 -21.98 4.76 -16.50
N GLU B 116 -22.94 4.43 -15.65
CA GLU B 116 -22.99 3.12 -14.99
C GLU B 116 -23.21 2.04 -16.06
N LEU B 117 -22.34 1.01 -16.08
CA LEU B 117 -22.42 -0.15 -16.99
C LEU B 117 -23.83 -0.73 -17.01
N PHE B 118 -24.43 -0.92 -15.82
CA PHE B 118 -25.74 -1.60 -15.62
C PHE B 118 -26.93 -0.71 -16.04
N THR B 119 -26.70 0.43 -16.70
CA THR B 119 -27.78 1.25 -17.30
C THR B 119 -28.50 0.43 -18.38
N GLY B 120 -27.77 -0.42 -19.10
CA GLY B 120 -28.25 -1.22 -20.25
C GLY B 120 -27.35 -0.99 -21.47
N ASP B 121 -26.92 -2.05 -22.11
CA ASP B 121 -25.93 -2.01 -23.22
C ASP B 121 -26.35 -1.01 -24.30
N ALA B 122 -27.60 -1.07 -24.78
CA ALA B 122 -28.04 -0.25 -25.93
C ALA B 122 -27.87 1.24 -25.57
N ASP B 123 -28.39 1.62 -24.40
CA ASP B 123 -28.40 3.04 -23.93
C ASP B 123 -26.97 3.49 -23.61
N VAL B 124 -26.16 2.66 -22.94
CA VAL B 124 -24.75 3.01 -22.65
C VAL B 124 -23.99 3.24 -23.95
N LYS B 125 -24.04 2.29 -24.88
CA LYS B 125 -23.32 2.37 -26.17
C LYS B 125 -23.73 3.66 -26.91
N ALA B 126 -25.02 3.96 -26.95
CA ALA B 126 -25.53 5.14 -27.72
C ALA B 126 -24.97 6.42 -27.08
N THR B 127 -24.95 6.47 -25.74
CA THR B 127 -24.50 7.68 -24.98
C THR B 127 -22.98 7.81 -25.12
N VAL B 128 -22.25 6.68 -25.09
CA VAL B 128 -20.77 6.65 -25.30
C VAL B 128 -20.46 7.21 -26.69
N ASP B 129 -21.18 6.77 -27.72
CA ASP B 129 -20.88 7.19 -29.11
C ASP B 129 -21.19 8.68 -29.27
N TYR B 130 -22.21 9.15 -28.55
CA TYR B 130 -22.67 10.56 -28.59
C TYR B 130 -21.62 11.40 -27.86
N ALA B 131 -21.23 10.97 -26.64
CA ALA B 131 -20.13 11.60 -25.87
C ALA B 131 -18.91 11.82 -26.78
N HIS B 132 -18.50 10.75 -27.45
CA HIS B 132 -17.27 10.68 -28.28
C HIS B 132 -17.37 11.58 -29.51
N ALA B 133 -18.53 11.66 -30.15
CA ALA B 133 -18.78 12.63 -31.25
C ALA B 133 -18.73 14.10 -30.76
N HIS B 134 -18.79 14.38 -29.45
CA HIS B 134 -18.79 15.75 -28.87
C HIS B 134 -17.62 15.93 -27.90
N ASN B 135 -16.49 15.26 -28.17
CA ASN B 135 -15.24 15.21 -27.36
C ASN B 135 -15.51 15.22 -25.87
N VAL B 136 -16.35 14.33 -25.39
CA VAL B 136 -16.48 14.03 -23.94
C VAL B 136 -16.04 12.58 -23.76
N TYR B 137 -15.22 12.35 -22.74
CA TYR B 137 -14.66 11.04 -22.37
C TYR B 137 -15.66 10.40 -21.44
N VAL B 138 -15.69 9.05 -21.45
CA VAL B 138 -16.60 8.25 -20.62
C VAL B 138 -15.79 7.43 -19.61
N VAL B 139 -16.01 7.72 -18.34
CA VAL B 139 -15.71 6.82 -17.20
C VAL B 139 -16.94 5.94 -17.11
N MET B 140 -16.81 4.64 -17.38
CA MET B 140 -17.96 3.70 -17.30
C MET B 140 -17.84 3.02 -15.96
N SER B 141 -18.90 2.95 -15.19
CA SER B 141 -18.73 2.72 -13.74
C SER B 141 -19.60 1.59 -13.27
N ASN B 142 -19.11 0.88 -12.27
CA ASN B 142 -19.88 -0.14 -11.54
C ASN B 142 -19.49 -0.03 -10.07
N HIS B 143 -20.48 -0.12 -9.18
CA HIS B 143 -20.32 0.08 -7.71
C HIS B 143 -21.13 -0.99 -6.99
N ASP B 144 -20.50 -1.71 -6.08
CA ASP B 144 -21.18 -2.73 -5.26
C ASP B 144 -20.86 -2.41 -3.81
N PHE B 145 -21.86 -1.96 -3.05
CA PHE B 145 -21.66 -1.36 -1.71
C PHE B 145 -21.93 -2.42 -0.65
N HIS B 146 -22.16 -3.67 -1.07
CA HIS B 146 -22.48 -4.83 -0.18
C HIS B 146 -21.30 -5.82 -0.08
N GLN B 147 -20.59 -6.15 -1.17
CA GLN B 147 -19.66 -7.31 -1.23
C GLN B 147 -18.70 -7.20 -2.43
N THR B 148 -17.72 -8.08 -2.53
CA THR B 148 -16.65 -8.05 -3.56
C THR B 148 -16.88 -9.25 -4.48
N PRO B 149 -17.26 -9.04 -5.75
CA PRO B 149 -17.28 -10.13 -6.72
C PRO B 149 -15.91 -10.83 -6.71
N SER B 150 -15.89 -12.05 -7.22
CA SER B 150 -14.67 -12.78 -7.64
C SER B 150 -13.83 -11.92 -8.59
N ALA B 151 -12.53 -12.15 -8.62
CA ALA B 151 -11.59 -11.53 -9.57
C ALA B 151 -12.07 -11.70 -11.01
N GLU B 152 -12.52 -12.90 -11.35
CA GLU B 152 -12.99 -13.25 -12.71
C GLU B 152 -14.16 -12.34 -13.10
N GLU B 153 -15.11 -12.13 -12.19
CA GLU B 153 -16.32 -11.33 -12.46
C GLU B 153 -15.89 -9.87 -12.72
N MET B 154 -15.01 -9.33 -11.87
CA MET B 154 -14.57 -7.92 -11.97
C MET B 154 -13.78 -7.75 -13.26
N VAL B 155 -12.89 -8.68 -13.58
CA VAL B 155 -12.14 -8.51 -14.86
C VAL B 155 -13.14 -8.49 -16.03
N LEU B 156 -14.11 -9.41 -16.08
CA LEU B 156 -15.04 -9.53 -17.25
C LEU B 156 -15.94 -8.29 -17.35
N ARG B 157 -16.47 -7.86 -16.22
CA ARG B 157 -17.17 -6.57 -16.10
C ARG B 157 -16.34 -5.43 -16.67
N LEU B 158 -15.09 -5.28 -16.27
CA LEU B 158 -14.27 -4.16 -16.75
C LEU B 158 -14.00 -4.32 -18.27
N ARG B 159 -13.79 -5.53 -18.74
CA ARG B 159 -13.56 -5.77 -20.19
C ARG B 159 -14.87 -5.44 -20.94
N LYS B 160 -16.02 -5.73 -20.32
CA LYS B 160 -17.34 -5.46 -20.94
C LYS B 160 -17.45 -3.95 -21.16
N MET B 161 -17.04 -3.20 -20.15
CA MET B 161 -16.98 -1.72 -20.22
C MET B 161 -16.07 -1.28 -21.39
N GLN B 162 -14.87 -1.82 -21.52
CA GLN B 162 -14.03 -1.53 -22.71
C GLN B 162 -14.82 -1.82 -23.99
N ALA B 163 -15.42 -3.00 -24.11
CA ALA B 163 -16.15 -3.43 -25.33
C ALA B 163 -17.22 -2.41 -25.69
N LEU B 164 -17.92 -1.81 -24.72
CA LEU B 164 -19.01 -0.84 -24.93
C LEU B 164 -18.45 0.56 -25.21
N GLY B 165 -17.14 0.77 -25.09
CA GLY B 165 -16.41 1.95 -25.62
C GLY B 165 -15.86 2.85 -24.51
N ALA B 166 -15.95 2.43 -23.23
CA ALA B 166 -15.39 3.15 -22.07
C ALA B 166 -13.98 3.63 -22.42
N ASP B 167 -13.70 4.89 -22.18
CA ASP B 167 -12.34 5.46 -22.15
C ASP B 167 -11.63 4.96 -20.89
N ILE B 168 -12.36 4.87 -19.78
CA ILE B 168 -11.80 4.53 -18.45
C ILE B 168 -12.83 3.67 -17.71
N PRO B 169 -12.72 2.33 -17.76
CA PRO B 169 -13.55 1.49 -16.91
C PRO B 169 -13.28 1.79 -15.43
N LYS B 170 -14.29 1.63 -14.57
CA LYS B 170 -14.16 1.96 -13.13
C LYS B 170 -14.98 0.94 -12.35
N ILE B 171 -14.39 0.35 -11.33
CA ILE B 171 -15.18 -0.52 -10.44
C ILE B 171 -14.73 -0.22 -9.03
N ALA B 172 -15.71 -0.24 -8.14
CA ALA B 172 -15.58 0.08 -6.73
C ALA B 172 -16.44 -0.92 -5.97
N VAL B 173 -15.83 -1.70 -5.07
CA VAL B 173 -16.48 -2.84 -4.40
C VAL B 173 -16.24 -2.76 -2.89
N MET B 174 -17.20 -3.24 -2.10
CA MET B 174 -17.13 -3.27 -0.63
C MET B 174 -16.46 -4.57 -0.21
N PRO B 175 -15.29 -4.52 0.48
CA PRO B 175 -14.71 -5.72 1.08
C PRO B 175 -15.47 -6.06 2.37
N GLN B 176 -15.70 -7.35 2.63
CA GLN B 176 -16.29 -7.90 3.85
C GLN B 176 -15.17 -8.57 4.67
N SER B 177 -13.97 -8.64 4.08
CA SER B 177 -12.77 -9.32 4.63
C SER B 177 -11.53 -8.64 4.06
N LYS B 178 -10.38 -8.92 4.68
CA LYS B 178 -9.06 -8.56 4.13
C LYS B 178 -8.86 -9.35 2.85
N HIS B 179 -9.35 -10.60 2.80
CA HIS B 179 -9.23 -11.42 1.56
C HIS B 179 -9.84 -10.66 0.38
N ASP B 180 -11.00 -10.06 0.60
CA ASP B 180 -11.77 -9.35 -0.46
C ASP B 180 -10.93 -8.16 -0.97
N VAL B 181 -10.08 -7.56 -0.13
CA VAL B 181 -9.21 -6.45 -0.57
C VAL B 181 -8.17 -6.99 -1.57
N LEU B 182 -7.52 -8.11 -1.26
CA LEU B 182 -6.53 -8.73 -2.17
C LEU B 182 -7.21 -9.09 -3.48
N THR B 183 -8.41 -9.64 -3.39
CA THR B 183 -9.16 -10.05 -4.61
C THR B 183 -9.22 -8.86 -5.57
N LEU B 184 -9.54 -7.68 -5.03
CA LEU B 184 -9.66 -6.47 -5.87
C LEU B 184 -8.30 -6.07 -6.46
N LEU B 185 -7.24 -6.12 -5.65
CA LEU B 185 -5.88 -5.83 -6.13
C LEU B 185 -5.49 -6.83 -7.23
N THR B 186 -5.80 -8.12 -7.03
CA THR B 186 -5.64 -9.22 -8.02
C THR B 186 -6.36 -8.85 -9.32
N ALA B 187 -7.66 -8.53 -9.24
CA ALA B 187 -8.44 -8.06 -10.41
C ALA B 187 -7.68 -6.96 -11.15
N THR B 188 -7.29 -5.91 -10.41
CA THR B 188 -6.62 -4.73 -10.98
C THR B 188 -5.37 -5.19 -11.72
N LEU B 189 -4.59 -6.07 -11.11
CA LEU B 189 -3.30 -6.51 -11.69
C LEU B 189 -3.54 -7.29 -12.97
N GLU B 190 -4.59 -8.12 -12.99
CA GLU B 190 -4.95 -8.97 -14.16
C GLU B 190 -5.30 -8.07 -15.33
N MET B 191 -5.99 -6.96 -15.07
CA MET B 191 -6.22 -5.96 -16.14
C MET B 191 -4.88 -5.47 -16.65
N GLN B 192 -3.95 -5.16 -15.74
CA GLN B 192 -2.62 -4.60 -16.10
C GLN B 192 -1.84 -5.64 -16.91
N GLN B 193 -1.88 -6.90 -16.49
CA GLN B 193 -1.10 -8.01 -17.10
C GLN B 193 -1.70 -8.41 -18.46
N HIS B 194 -3.03 -8.54 -18.56
CA HIS B 194 -3.69 -9.24 -19.72
C HIS B 194 -4.57 -8.29 -20.51
N TYR B 195 -5.07 -7.19 -19.95
CA TYR B 195 -6.14 -6.37 -20.57
C TYR B 195 -5.83 -4.90 -20.36
N ALA B 196 -4.72 -4.45 -20.93
CA ALA B 196 -4.14 -3.12 -20.65
C ALA B 196 -4.43 -2.15 -21.79
N ASP B 197 -5.61 -2.23 -22.41
CA ASP B 197 -5.97 -1.38 -23.59
C ASP B 197 -6.49 -0.01 -23.14
N ARG B 198 -7.07 0.07 -21.95
CA ARG B 198 -7.75 1.24 -21.36
C ARG B 198 -7.25 1.43 -19.93
N PRO B 199 -7.05 2.66 -19.45
CA PRO B 199 -6.74 2.86 -18.03
C PRO B 199 -7.96 2.43 -17.21
N VAL B 200 -7.75 1.88 -16.01
CA VAL B 200 -8.88 1.47 -15.15
C VAL B 200 -8.74 2.10 -13.77
N ILE B 201 -9.89 2.46 -13.22
CA ILE B 201 -10.02 2.94 -11.82
C ILE B 201 -10.58 1.77 -11.02
N THR B 202 -9.84 1.28 -10.05
CA THR B 202 -10.39 0.27 -9.12
C THR B 202 -10.26 0.79 -7.68
N MET B 203 -11.16 0.35 -6.81
CA MET B 203 -11.02 0.65 -5.37
C MET B 203 -11.85 -0.35 -4.56
N SER B 204 -11.26 -0.81 -3.46
CA SER B 204 -11.89 -1.53 -2.33
C SER B 204 -12.28 -0.45 -1.32
N MET B 205 -13.55 -0.36 -1.03
CA MET B 205 -14.08 0.71 -0.16
C MET B 205 -13.78 0.40 1.31
N ALA B 206 -14.06 1.36 2.20
CA ALA B 206 -14.01 1.21 3.68
C ALA B 206 -12.57 1.22 4.17
N LYS B 207 -12.40 1.27 5.51
CA LYS B 207 -11.11 1.14 6.24
C LYS B 207 -10.28 0.02 5.63
N GLU B 208 -10.83 -1.20 5.54
CA GLU B 208 -10.09 -2.40 5.05
C GLU B 208 -9.49 -2.08 3.67
N GLY B 209 -10.19 -1.34 2.80
CA GLY B 209 -9.82 -1.24 1.38
C GLY B 209 -8.82 -0.15 1.09
N VAL B 210 -8.56 0.75 2.05
CA VAL B 210 -7.76 1.99 1.87
C VAL B 210 -6.48 1.73 1.05
N ILE B 211 -5.81 0.59 1.27
CA ILE B 211 -4.54 0.29 0.58
C ILE B 211 -4.76 0.36 -0.94
N SER B 212 -5.98 0.02 -1.42
CA SER B 212 -6.37 -0.01 -2.85
C SER B 212 -6.35 1.41 -3.43
N ARG B 213 -6.52 2.41 -2.59
CA ARG B 213 -6.54 3.84 -2.97
C ARG B 213 -5.10 4.33 -3.01
N LEU B 214 -4.17 3.63 -2.36
CA LEU B 214 -2.75 4.08 -2.25
C LEU B 214 -1.87 3.40 -3.30
N ALA B 215 -2.20 2.16 -3.71
CA ALA B 215 -1.24 1.25 -4.38
C ALA B 215 -1.45 1.29 -5.90
N GLY B 216 -2.15 2.30 -6.39
CA GLY B 216 -2.64 2.36 -7.78
C GLY B 216 -1.51 2.20 -8.77
N GLU B 217 -0.32 2.68 -8.43
CA GLU B 217 0.77 2.74 -9.42
C GLU B 217 1.38 1.35 -9.59
N VAL B 218 1.34 0.52 -8.56
CA VAL B 218 2.00 -0.81 -8.59
C VAL B 218 1.07 -1.76 -9.34
N PHE B 219 -0.21 -1.77 -8.97
CA PHE B 219 -1.21 -2.76 -9.45
C PHE B 219 -2.01 -2.25 -10.65
N GLY B 220 -2.00 -0.94 -10.92
CA GLY B 220 -2.52 -0.33 -12.19
C GLY B 220 -3.92 0.25 -12.08
N SER B 221 -4.24 0.94 -10.97
CA SER B 221 -5.41 1.84 -10.90
C SER B 221 -4.93 3.22 -11.34
N ALA B 222 -5.66 3.87 -12.25
CA ALA B 222 -5.20 5.08 -12.96
C ALA B 222 -5.53 6.32 -12.12
N ALA B 223 -6.39 6.18 -11.12
CA ALA B 223 -6.89 7.34 -10.36
C ALA B 223 -7.51 6.84 -9.07
N THR B 224 -7.55 7.73 -8.09
CA THR B 224 -7.94 7.45 -6.69
C THR B 224 -8.62 8.69 -6.15
N PHE B 225 -9.62 8.49 -5.30
CA PHE B 225 -10.45 9.56 -4.68
C PHE B 225 -9.92 9.91 -3.31
N GLY B 226 -9.67 11.21 -3.12
CA GLY B 226 -9.39 11.84 -1.82
C GLY B 226 -10.52 12.77 -1.39
N ALA B 227 -10.63 12.96 -0.08
CA ALA B 227 -11.60 13.87 0.56
C ALA B 227 -10.91 15.23 0.71
N VAL B 228 -11.63 16.30 0.35
CA VAL B 228 -11.27 17.67 0.80
C VAL B 228 -11.71 17.81 2.28
N LYS B 229 -12.93 17.41 2.62
CA LYS B 229 -13.60 17.77 3.91
C LYS B 229 -14.46 16.58 4.40
N GLN B 230 -15.40 16.10 3.56
CA GLN B 230 -16.14 14.81 3.75
C GLN B 230 -15.83 13.92 2.55
N ALA B 231 -15.81 12.60 2.80
CA ALA B 231 -15.64 11.54 1.78
C ALA B 231 -16.93 11.45 0.96
N SER B 232 -16.79 11.21 -0.36
CA SER B 232 -17.92 10.89 -1.28
C SER B 232 -18.20 9.37 -1.27
N ALA B 233 -17.33 8.56 -0.65
CA ALA B 233 -17.48 7.09 -0.52
C ALA B 233 -16.60 6.63 0.64
N PRO B 234 -17.04 5.65 1.44
CA PRO B 234 -16.25 5.26 2.62
C PRO B 234 -14.80 4.88 2.22
N GLY B 235 -13.84 5.19 3.10
CA GLY B 235 -12.44 4.76 2.99
C GLY B 235 -11.57 5.82 2.33
N GLN B 236 -12.15 6.83 1.67
CA GLN B 236 -11.35 8.00 1.20
C GLN B 236 -10.69 8.68 2.41
N ILE B 237 -9.45 9.11 2.24
CA ILE B 237 -8.64 9.83 3.25
C ILE B 237 -8.41 11.27 2.79
N ALA B 238 -7.84 12.12 3.65
CA ALA B 238 -7.54 13.55 3.34
C ALA B 238 -6.64 13.65 2.08
N VAL B 239 -7.05 14.49 1.14
CA VAL B 239 -6.40 14.62 -0.18
C VAL B 239 -4.90 14.91 -0.03
N ASN B 240 -4.47 15.69 0.96
CA ASN B 240 -3.02 16.01 1.11
C ASN B 240 -2.24 14.74 1.49
N ASP B 241 -2.81 13.93 2.38
CA ASP B 241 -2.24 12.65 2.84
C ASP B 241 -2.13 11.64 1.69
N LEU B 242 -3.13 11.60 0.80
CA LEU B 242 -3.24 10.63 -0.31
C LEU B 242 -2.11 10.97 -1.29
N ARG B 243 -2.02 12.27 -1.57
CA ARG B 243 -0.97 12.93 -2.39
C ARG B 243 0.42 12.58 -1.87
N SER B 244 0.62 12.63 -0.55
CA SER B 244 1.96 12.42 0.06
C SER B 244 2.38 10.98 -0.21
N VAL B 245 1.47 10.06 0.04
CA VAL B 245 1.72 8.60 -0.16
C VAL B 245 1.99 8.32 -1.65
N LEU B 246 1.18 8.87 -2.55
CA LEU B 246 1.31 8.65 -4.01
C LEU B 246 2.71 9.07 -4.43
N MET B 247 3.18 10.21 -3.95
CA MET B 247 4.48 10.80 -4.38
C MET B 247 5.62 9.97 -3.78
N ILE B 248 5.50 9.55 -2.53
CA ILE B 248 6.55 8.63 -1.96
C ILE B 248 6.65 7.34 -2.79
N LEU B 249 5.51 6.75 -3.18
CA LEU B 249 5.50 5.46 -3.92
C LEU B 249 6.11 5.70 -5.31
N HIS B 250 5.69 6.74 -6.02
CA HIS B 250 6.20 7.02 -7.39
C HIS B 250 7.73 7.22 -7.30
N ASN B 251 8.22 7.93 -6.28
CA ASN B 251 9.65 8.32 -6.17
C ASN B 251 10.51 7.30 -5.39
N ALA B 252 9.96 6.20 -4.87
CA ALA B 252 10.73 5.09 -4.25
C ALA B 252 11.95 4.76 -5.12
#